data_2RAH
#
_entry.id   2RAH
#
_cell.length_a   111.171
_cell.length_b   111.171
_cell.length_c   70.440
_cell.angle_alpha   90.000
_cell.angle_beta   90.000
_cell.angle_gamma   90.000
#
_symmetry.space_group_name_H-M   'P 41 21 2'
#
loop_
_entity.id
_entity.type
_entity.pdbx_description
1 polymer 'Farnesyl pyrophosphate synthetase'
2 non-polymer 'MAGNESIUM ION'
3 non-polymer 'SULFATE ION'
4 non-polymer '[(7R)-6,7-dihydro-5H-cyclopenta[c]pyridin-7-yl(hydroxy)methylene]bis(phosphonic acid)'
5 water water
#
_entity_poly.entity_id   1
_entity_poly.type   'polypeptide(L)'
_entity_poly.pdbx_seq_one_letter_code
;MGSSHHHHHHSSGRENLYFQGHMGHMNGDQNSDVYAQEKQDFVQHFSQIVRVLTEDEMGHPEIGDAIARLKEVLEYNAIG
GKYNRGLTVVVAFRELVEPRKQDADSLQRAWTVGWCVELLQAFFLVADDIMDSSLTRRGQICWYQKPGVGLDAINDANLL
EACIYRLLKLYCREQPYYLNLIELFLQSSYQTEIGQTLDLLTAPQGNVDLVRFTEKRYKSIVKYKTAFYSFYLPIAAAMY
MAGIDGEKEHANAKKILLEMGEFFQIQDDYLDLFGDPSVTGKIGTDIQDNKCSWLVVQCLQRATPEQYQILKENYGQKEA
EKVARVKALYEELDLPAVFLQYEEDSYSHIMALIEQYAAPLPPAVFLGLARKIYKRRK
;
_entity_poly.pdbx_strand_id   A
#
loop_
_chem_comp.id
_chem_comp.type
_chem_comp.name
_chem_comp.formula
11P non-polymer '[(7R)-6,7-dihydro-5H-cyclopenta[c]pyridin-7-yl(hydroxy)methylene]bis(phosphonic acid)' 'C9 H13 N O7 P2'
MG non-polymer 'MAGNESIUM ION' 'Mg 2'
SO4 non-polymer 'SULFATE ION' 'O4 S -2'
#
# COMPACT_ATOMS: atom_id res chain seq x y z
N ASP A 33 -7.29 -17.79 -0.70
CA ASP A 33 -8.78 -17.83 -0.51
C ASP A 33 -9.19 -17.90 0.97
N VAL A 34 -8.23 -18.14 1.84
CA VAL A 34 -8.37 -17.79 3.26
C VAL A 34 -8.79 -16.32 3.39
N TYR A 35 -8.46 -15.54 2.36
CA TYR A 35 -8.91 -14.16 2.27
C TYR A 35 -10.39 -14.06 1.93
N ALA A 36 -10.79 -14.67 0.82
CA ALA A 36 -12.19 -14.68 0.39
C ALA A 36 -13.13 -15.11 1.51
N GLN A 37 -12.60 -15.86 2.46
CA GLN A 37 -13.38 -16.49 3.52
C GLN A 37 -13.35 -15.69 4.82
N GLU A 38 -12.38 -14.79 4.93
CA GLU A 38 -12.41 -13.81 6.00
C GLU A 38 -13.07 -12.51 5.56
N LYS A 39 -13.18 -12.35 4.23
CA LYS A 39 -13.51 -11.07 3.62
C LYS A 39 -14.85 -10.49 4.05
N GLN A 40 -15.92 -11.27 3.91
CA GLN A 40 -17.28 -10.74 4.02
C GLN A 40 -17.59 -10.27 5.44
N ASP A 41 -17.03 -10.98 6.42
CA ASP A 41 -17.13 -10.58 7.81
C ASP A 41 -16.33 -9.31 8.06
N PHE A 42 -15.13 -9.24 7.47
CA PHE A 42 -14.29 -8.05 7.58
C PHE A 42 -15.00 -6.81 7.04
N VAL A 43 -15.47 -6.91 5.80
CA VAL A 43 -16.11 -5.79 5.12
C VAL A 43 -17.37 -5.31 5.83
N GLN A 44 -18.17 -6.24 6.35
CA GLN A 44 -19.40 -5.86 7.01
C GLN A 44 -19.14 -5.23 8.37
N HIS A 45 -17.91 -5.38 8.87
CA HIS A 45 -17.47 -4.70 10.09
C HIS A 45 -17.31 -3.18 9.90
N PHE A 46 -17.45 -2.70 8.68
CA PHE A 46 -17.13 -1.31 8.39
C PHE A 46 -18.19 -0.40 8.97
N SER A 47 -19.45 -0.79 8.80
CA SER A 47 -20.57 -0.08 9.41
C SER A 47 -20.32 0.14 10.90
N GLN A 48 -19.68 -0.84 11.55
CA GLN A 48 -19.39 -0.73 12.97
C GLN A 48 -18.26 0.26 13.25
N ILE A 49 -17.23 0.23 12.41
CA ILE A 49 -16.09 1.15 12.52
C ILE A 49 -16.63 2.56 12.43
N VAL A 50 -17.42 2.82 11.39
CA VAL A 50 -18.08 4.09 11.18
C VAL A 50 -19.00 4.54 12.31
N ARG A 51 -19.93 3.67 12.71
CA ARG A 51 -20.78 3.92 13.87
C ARG A 51 -19.99 4.39 15.08
N VAL A 52 -18.98 3.63 15.49
CA VAL A 52 -18.22 3.98 16.68
C VAL A 52 -17.38 5.25 16.54
N LEU A 53 -16.95 5.58 15.33
CA LEU A 53 -16.24 6.83 15.06
C LEU A 53 -17.18 8.03 14.90
N THR A 54 -18.48 7.76 14.87
CA THR A 54 -19.50 8.80 14.80
C THR A 54 -20.27 8.96 16.12
N GLU A 55 -20.04 8.03 17.05
CA GLU A 55 -20.65 8.08 18.38
C GLU A 55 -19.86 9.00 19.31
N ASP A 56 -19.41 10.13 18.77
CA ASP A 56 -18.70 11.17 19.53
C ASP A 56 -19.68 12.25 19.99
N GLU A 57 -20.96 11.92 19.97
CA GLU A 57 -22.00 12.82 20.48
C GLU A 57 -22.14 12.69 21.99
N HIS A 60 -21.28 16.16 22.53
CA HIS A 60 -20.67 17.23 21.73
C HIS A 60 -21.37 17.43 20.38
N PRO A 61 -22.66 17.82 20.40
CA PRO A 61 -23.43 18.02 19.18
C PRO A 61 -22.88 19.17 18.32
N GLU A 62 -22.04 20.01 18.92
CA GLU A 62 -21.39 21.12 18.24
C GLU A 62 -20.55 20.67 17.02
N ILE A 63 -19.86 19.54 17.16
CA ILE A 63 -19.04 19.04 16.07
C ILE A 63 -19.78 18.12 15.10
N GLY A 64 -21.11 18.12 15.16
CA GLY A 64 -21.91 17.20 14.37
C GLY A 64 -21.59 17.31 12.89
N ASP A 65 -21.59 18.53 12.38
CA ASP A 65 -21.32 18.75 10.97
C ASP A 65 -19.98 18.19 10.53
N ALA A 66 -18.96 18.30 11.39
CA ALA A 66 -17.64 17.78 11.07
C ALA A 66 -17.62 16.25 11.12
N ILE A 67 -18.43 15.71 12.01
CA ILE A 67 -18.50 14.26 12.14
C ILE A 67 -19.25 13.67 10.95
N ALA A 68 -20.20 14.42 10.40
CA ALA A 68 -20.85 14.07 9.13
C ALA A 68 -19.91 14.11 7.94
N ARG A 69 -18.98 15.07 7.91
CA ARG A 69 -17.99 15.13 6.85
C ARG A 69 -17.01 13.95 6.95
N LEU A 70 -16.60 13.60 8.16
CA LEU A 70 -15.74 12.42 8.35
C LEU A 70 -16.42 11.12 7.86
N LYS A 71 -17.69 10.96 8.19
CA LYS A 71 -18.49 9.86 7.64
C LYS A 71 -18.37 9.78 6.10
N GLU A 72 -18.64 10.90 5.44
CA GLU A 72 -18.53 10.95 3.98
C GLU A 72 -17.14 10.55 3.52
N VAL A 73 -16.13 11.01 4.26
CA VAL A 73 -14.76 10.81 3.84
C VAL A 73 -14.38 9.33 3.98
N LEU A 74 -14.76 8.74 5.10
CA LEU A 74 -14.58 7.31 5.31
C LEU A 74 -15.25 6.53 4.18
N GLU A 75 -16.51 6.85 3.93
CA GLU A 75 -17.34 6.05 3.04
C GLU A 75 -16.92 6.14 1.58
N TYR A 76 -16.33 7.27 1.18
CA TYR A 76 -15.78 7.41 -0.17
C TYR A 76 -14.39 6.79 -0.27
N ASN A 77 -13.60 6.88 0.80
CA ASN A 77 -12.16 6.64 0.70
C ASN A 77 -11.55 5.38 1.30
N ALA A 78 -12.25 4.72 2.22
CA ALA A 78 -11.74 3.45 2.72
C ALA A 78 -12.53 2.26 2.13
N ILE A 79 -13.62 2.56 1.42
CA ILE A 79 -14.39 1.53 0.73
C ILE A 79 -14.21 1.62 -0.78
N GLY A 80 -13.83 0.49 -1.39
CA GLY A 80 -13.92 0.32 -2.84
C GLY A 80 -12.68 -0.38 -3.36
N GLY A 81 -11.78 -0.69 -2.44
CA GLY A 81 -10.55 -1.39 -2.80
C GLY A 81 -10.70 -2.86 -2.49
N LYS A 82 -9.59 -3.59 -2.54
CA LYS A 82 -9.56 -5.03 -2.36
C LYS A 82 -9.52 -5.44 -0.88
N TYR A 83 -9.05 -4.54 -0.03
CA TYR A 83 -8.97 -4.79 1.41
C TYR A 83 -7.91 -5.81 1.79
N ASN A 84 -6.97 -6.06 0.90
CA ASN A 84 -5.96 -7.06 1.16
C ASN A 84 -5.08 -6.77 2.36
N ARG A 85 -4.76 -5.50 2.60
CA ARG A 85 -3.89 -5.19 3.73
C ARG A 85 -4.59 -5.46 5.06
N GLY A 86 -5.82 -4.96 5.19
CA GLY A 86 -6.60 -5.20 6.40
C GLY A 86 -6.94 -6.67 6.60
N LEU A 87 -7.27 -7.35 5.51
CA LEU A 87 -7.59 -8.77 5.60
C LEU A 87 -6.39 -9.58 6.07
N THR A 88 -5.21 -9.17 5.64
CA THR A 88 -3.98 -9.81 6.07
C THR A 88 -3.81 -9.84 7.60
N VAL A 89 -4.19 -8.74 8.25
CA VAL A 89 -4.22 -8.70 9.71
C VAL A 89 -5.18 -9.77 10.25
N VAL A 90 -6.35 -9.90 9.64
CA VAL A 90 -7.37 -10.81 10.16
C VAL A 90 -6.98 -12.28 9.90
N VAL A 91 -6.39 -12.52 8.74
CA VAL A 91 -5.95 -13.86 8.34
C VAL A 91 -4.83 -14.32 9.25
N ALA A 92 -3.77 -13.52 9.34
CA ALA A 92 -2.62 -13.82 10.19
C ALA A 92 -3.00 -13.99 11.65
N PHE A 93 -3.98 -13.21 12.10
CA PHE A 93 -4.44 -13.33 13.47
C PHE A 93 -5.02 -14.73 13.72
N ARG A 94 -5.88 -15.18 12.81
CA ARG A 94 -6.47 -16.51 12.90
C ARG A 94 -5.41 -17.62 12.94
N GLU A 95 -4.30 -17.40 12.23
CA GLU A 95 -3.27 -18.41 12.10
C GLU A 95 -2.21 -18.34 13.20
N LEU A 96 -2.17 -17.22 13.92
CA LEU A 96 -1.12 -17.00 14.91
C LEU A 96 -1.60 -17.14 16.35
N VAL A 97 -2.91 -16.97 16.55
CA VAL A 97 -3.48 -16.95 17.88
C VAL A 97 -4.03 -18.34 18.20
N GLU A 98 -3.74 -18.83 19.39
CA GLU A 98 -4.35 -20.06 19.88
C GLU A 98 -5.86 -20.00 19.64
N PRO A 99 -6.40 -20.96 18.89
CA PRO A 99 -7.83 -20.98 18.55
C PRO A 99 -8.76 -20.80 19.74
N ARG A 100 -8.28 -21.17 20.93
CA ARG A 100 -9.05 -21.06 22.16
C ARG A 100 -9.06 -19.62 22.64
N LYS A 101 -8.03 -18.87 22.25
CA LYS A 101 -7.90 -17.47 22.62
C LYS A 101 -8.62 -16.55 21.63
N GLN A 102 -9.19 -17.14 20.58
CA GLN A 102 -9.89 -16.37 19.57
C GLN A 102 -11.34 -16.08 19.92
N ASP A 103 -11.56 -15.51 21.09
CA ASP A 103 -12.90 -15.11 21.52
C ASP A 103 -13.52 -14.03 20.62
N ALA A 104 -14.77 -13.66 20.90
CA ALA A 104 -15.51 -12.73 20.07
C ALA A 104 -14.93 -11.33 20.14
N ASP A 105 -14.42 -11.00 21.33
CA ASP A 105 -13.87 -9.69 21.64
C ASP A 105 -12.50 -9.50 21.00
N SER A 106 -11.69 -10.54 21.04
CA SER A 106 -10.33 -10.46 20.54
C SER A 106 -10.34 -10.54 19.02
N LEU A 107 -11.39 -11.13 18.48
CA LEU A 107 -11.68 -11.07 17.06
C LEU A 107 -12.16 -9.70 16.60
N GLN A 108 -13.03 -9.06 17.38
CA GLN A 108 -13.51 -7.70 17.09
CA GLN A 108 -13.50 -7.72 17.04
C GLN A 108 -12.31 -6.77 16.97
N ARG A 109 -11.33 -6.99 17.85
CA ARG A 109 -10.11 -6.20 17.86
C ARG A 109 -9.26 -6.47 16.64
N ALA A 110 -9.23 -7.73 16.20
CA ALA A 110 -8.49 -8.07 14.99
C ALA A 110 -9.09 -7.37 13.76
N TRP A 111 -10.42 -7.35 13.67
CA TRP A 111 -11.11 -6.68 12.56
C TRP A 111 -10.87 -5.17 12.60
N THR A 112 -10.83 -4.62 13.81
CA THR A 112 -10.59 -3.19 14.00
C THR A 112 -9.19 -2.84 13.55
N VAL A 113 -8.21 -3.61 14.01
CA VAL A 113 -6.82 -3.40 13.61
C VAL A 113 -6.59 -3.56 12.10
N GLY A 114 -7.22 -4.56 11.50
CA GLY A 114 -7.35 -4.62 10.04
C GLY A 114 -7.85 -3.33 9.41
N TRP A 115 -9.00 -2.84 9.89
CA TRP A 115 -9.51 -1.56 9.40
C TRP A 115 -8.60 -0.37 9.65
N CYS A 116 -7.77 -0.43 10.69
CA CYS A 116 -6.73 0.56 10.92
C CYS A 116 -5.72 0.58 9.81
N VAL A 117 -5.30 -0.60 9.34
CA VAL A 117 -4.36 -0.64 8.22
C VAL A 117 -4.99 -0.03 6.96
N GLU A 118 -6.27 -0.28 6.75
CA GLU A 118 -6.98 0.23 5.57
C GLU A 118 -7.16 1.77 5.65
N LEU A 119 -7.34 2.29 6.85
CA LEU A 119 -7.41 3.74 7.08
C LEU A 119 -6.06 4.40 6.81
N LEU A 120 -4.98 3.71 7.14
CA LEU A 120 -3.67 4.19 6.77
C LEU A 120 -3.48 4.30 5.26
N GLN A 121 -3.93 3.28 4.53
CA GLN A 121 -3.86 3.29 3.07
C GLN A 121 -4.74 4.40 2.50
N ALA A 122 -5.93 4.58 3.06
CA ALA A 122 -6.82 5.65 2.62
C ALA A 122 -6.18 7.03 2.84
N PHE A 123 -5.51 7.20 3.97
CA PHE A 123 -4.80 8.43 4.28
C PHE A 123 -3.76 8.70 3.18
N PHE A 124 -2.93 7.72 2.89
CA PHE A 124 -1.89 7.90 1.88
C PHE A 124 -2.45 8.11 0.47
N LEU A 125 -3.52 7.40 0.11
CA LEU A 125 -4.08 7.49 -1.24
CA LEU A 125 -4.02 7.52 -1.25
C LEU A 125 -4.68 8.86 -1.51
N VAL A 126 -5.49 9.34 -0.58
CA VAL A 126 -6.12 10.63 -0.74
C VAL A 126 -5.11 11.74 -0.98
N ALA A 127 -4.00 11.70 -0.24
CA ALA A 127 -3.00 12.78 -0.24
C ALA A 127 -2.10 12.61 -1.45
N ASP A 128 -1.76 11.37 -1.75
CA ASP A 128 -0.90 11.08 -2.89
C ASP A 128 -1.60 11.38 -4.22
N ASP A 129 -2.93 11.20 -4.27
CA ASP A 129 -3.66 11.53 -5.51
C ASP A 129 -3.65 13.04 -5.81
N ILE A 130 -3.89 13.86 -4.79
CA ILE A 130 -3.54 15.29 -4.86
C ILE A 130 -2.13 15.55 -5.37
N MET A 131 -1.12 15.04 -4.67
CA MET A 131 0.26 15.32 -5.06
C MET A 131 0.60 14.88 -6.48
N ASP A 132 -0.02 13.78 -6.91
CA ASP A 132 0.35 13.11 -8.17
C ASP A 132 -0.53 13.67 -9.31
N SER A 133 -1.41 14.60 -8.97
CA SER A 133 -2.46 15.07 -9.89
C SER A 133 -3.30 13.98 -10.54
N SER A 134 -3.60 12.92 -9.79
CA SER A 134 -4.33 11.79 -10.32
C SER A 134 -5.78 12.13 -10.64
N LEU A 135 -6.42 11.32 -11.47
CA LEU A 135 -7.79 11.56 -11.92
C LEU A 135 -8.80 10.64 -11.23
N THR A 136 -8.51 9.34 -11.20
CA THR A 136 -9.42 8.34 -10.65
C THR A 136 -8.70 7.40 -9.71
N ARG A 137 -9.47 6.76 -8.85
CA ARG A 137 -8.92 5.83 -7.87
C ARG A 137 -10.04 4.84 -7.52
N ARG A 138 -9.73 3.55 -7.53
CA ARG A 138 -10.74 2.55 -7.17
C ARG A 138 -12.02 2.77 -7.97
N GLY A 139 -11.89 3.11 -9.25
CA GLY A 139 -13.02 3.13 -10.16
C GLY A 139 -14.02 4.24 -9.92
N GLN A 140 -13.60 5.28 -9.19
CA GLN A 140 -14.33 6.55 -9.20
C GLN A 140 -13.35 7.72 -9.35
N ILE A 141 -13.89 8.91 -9.57
CA ILE A 141 -13.05 10.10 -9.53
C ILE A 141 -12.43 10.26 -8.12
N CYS A 142 -11.15 10.61 -8.07
CA CYS A 142 -10.46 10.96 -6.82
C CYS A 142 -11.26 11.91 -5.94
N TRP A 143 -11.23 11.67 -4.63
CA TRP A 143 -11.96 12.50 -3.67
C TRP A 143 -11.70 13.99 -3.91
N TYR A 144 -10.46 14.36 -4.16
CA TYR A 144 -10.12 15.79 -4.22
C TYR A 144 -10.62 16.46 -5.50
N GLN A 145 -10.81 15.66 -6.54
CA GLN A 145 -11.35 16.14 -7.81
C GLN A 145 -12.85 16.41 -7.73
N LYS A 146 -13.51 15.91 -6.70
CA LYS A 146 -14.92 16.16 -6.56
C LYS A 146 -15.18 17.64 -6.37
N PRO A 147 -16.03 18.23 -7.23
CA PRO A 147 -16.44 19.61 -6.99
C PRO A 147 -16.82 19.79 -5.52
N GLY A 148 -16.39 20.89 -4.91
CA GLY A 148 -16.67 21.14 -3.51
C GLY A 148 -15.59 20.64 -2.56
N VAL A 149 -14.65 19.83 -3.07
CA VAL A 149 -13.60 19.25 -2.22
C VAL A 149 -12.25 19.94 -2.43
N GLY A 150 -11.58 19.64 -3.54
CA GLY A 150 -10.31 20.31 -3.84
C GLY A 150 -9.33 20.07 -2.69
N LEU A 151 -8.62 21.13 -2.29
CA LEU A 151 -7.50 20.97 -1.35
C LEU A 151 -7.92 20.78 0.10
N ASP A 152 -9.19 21.02 0.40
CA ASP A 152 -9.75 20.51 1.65
C ASP A 152 -9.47 19.03 1.88
N ALA A 153 -9.20 18.29 0.82
CA ALA A 153 -8.92 16.86 0.96
C ALA A 153 -7.65 16.63 1.78
N ILE A 154 -6.81 17.65 1.88
CA ILE A 154 -5.61 17.54 2.70
C ILE A 154 -6.03 17.30 4.15
N ASN A 155 -7.00 18.05 4.64
CA ASN A 155 -7.52 17.85 5.99
C ASN A 155 -8.30 16.55 6.16
N ASP A 156 -9.09 16.19 5.15
CA ASP A 156 -9.84 14.94 5.20
C ASP A 156 -8.86 13.79 5.37
N ALA A 157 -7.73 13.86 4.67
CA ALA A 157 -6.74 12.78 4.74
C ALA A 157 -6.09 12.66 6.12
N ASN A 158 -5.78 13.80 6.71
CA ASN A 158 -5.27 13.83 8.08
C ASN A 158 -6.28 13.26 9.08
N LEU A 159 -7.56 13.57 8.88
CA LEU A 159 -8.62 12.99 9.70
C LEU A 159 -8.65 11.47 9.67
N LEU A 160 -8.44 10.90 8.49
CA LEU A 160 -8.42 9.44 8.31
C LEU A 160 -7.26 8.81 9.08
N GLU A 161 -6.09 9.42 9.00
CA GLU A 161 -4.95 9.05 9.82
C GLU A 161 -5.30 9.14 11.31
N ALA A 162 -5.90 10.25 11.73
CA ALA A 162 -6.33 10.40 13.13
C ALA A 162 -7.24 9.27 13.63
N CYS A 163 -8.09 8.75 12.75
CA CYS A 163 -9.05 7.69 13.11
C CYS A 163 -8.40 6.37 13.51
N ILE A 164 -7.30 6.04 12.85
CA ILE A 164 -6.48 4.95 13.33
C ILE A 164 -6.32 4.99 14.84
N TYR A 165 -5.85 6.11 15.39
CA TYR A 165 -5.47 6.13 16.80
C TYR A 165 -6.65 6.20 17.76
N ARG A 166 -7.75 6.81 17.33
CA ARG A 166 -9.01 6.73 18.05
C ARG A 166 -9.53 5.28 18.15
N LEU A 167 -9.49 4.54 17.04
CA LEU A 167 -9.83 3.12 17.09
C LEU A 167 -8.91 2.25 17.94
N LEU A 168 -7.60 2.46 17.85
CA LEU A 168 -6.71 1.69 18.72
C LEU A 168 -7.03 1.94 20.19
N LYS A 169 -7.32 3.20 20.52
CA LYS A 169 -7.75 3.53 21.88
C LYS A 169 -9.09 2.92 22.26
N LEU A 170 -10.09 3.04 21.39
CA LEU A 170 -11.42 2.54 21.69
C LEU A 170 -11.46 1.03 21.94
N TYR A 171 -10.63 0.28 21.21
CA TYR A 171 -10.75 -1.17 21.19
C TYR A 171 -9.60 -1.85 21.95
N CYS A 172 -8.43 -1.23 21.97
CA CYS A 172 -7.21 -1.94 22.37
C CYS A 172 -6.46 -1.34 23.55
N ARG A 173 -6.97 -0.28 24.16
CA ARG A 173 -6.18 0.45 25.16
C ARG A 173 -5.79 -0.40 26.37
N GLU A 174 -6.64 -1.37 26.72
CA GLU A 174 -6.38 -2.21 27.90
C GLU A 174 -5.56 -3.47 27.58
N GLN A 175 -5.12 -3.62 26.33
CA GLN A 175 -4.37 -4.80 25.92
C GLN A 175 -2.88 -4.60 26.07
N PRO A 176 -2.13 -5.68 26.39
CA PRO A 176 -0.68 -5.60 26.61
C PRO A 176 0.12 -5.05 25.43
N TYR A 177 -0.46 -5.14 24.23
CA TYR A 177 0.29 -4.83 23.00
C TYR A 177 -0.10 -3.46 22.44
N TYR A 178 -0.98 -2.77 23.15
CA TYR A 178 -1.41 -1.41 22.83
C TYR A 178 -0.26 -0.53 22.35
N LEU A 179 0.73 -0.30 23.19
CA LEU A 179 1.85 0.57 22.85
C LEU A 179 2.64 0.03 21.65
N ASN A 180 2.82 -1.28 21.60
CA ASN A 180 3.39 -1.96 20.44
C ASN A 180 2.74 -1.56 19.13
N LEU A 181 1.40 -1.54 19.12
CA LEU A 181 0.64 -1.24 17.91
C LEU A 181 0.73 0.24 17.55
N ILE A 182 0.52 1.13 18.53
CA ILE A 182 0.65 2.58 18.32
C ILE A 182 1.97 2.90 17.64
N GLU A 183 3.05 2.42 18.24
CA GLU A 183 4.39 2.63 17.72
C GLU A 183 4.62 2.00 16.34
N LEU A 184 4.02 0.84 16.10
CA LEU A 184 4.13 0.19 14.80
C LEU A 184 3.48 1.04 13.71
N PHE A 185 2.27 1.52 13.98
CA PHE A 185 1.55 2.35 13.01
C PHE A 185 2.27 3.67 12.78
N LEU A 186 2.88 4.23 13.83
CA LEU A 186 3.50 5.55 13.73
C LEU A 186 4.82 5.41 12.99
N GLN A 187 5.53 4.34 13.29
CA GLN A 187 6.80 4.10 12.61
C GLN A 187 6.60 3.72 11.14
N SER A 188 5.55 2.96 10.86
CA SER A 188 5.18 2.61 9.50
C SER A 188 4.90 3.85 8.66
N SER A 189 4.07 4.75 9.20
CA SER A 189 3.81 6.05 8.58
C SER A 189 5.08 6.84 8.30
N TYR A 190 5.96 6.91 9.29
CA TYR A 190 7.19 7.66 9.12
C TYR A 190 7.97 7.06 7.97
N GLN A 191 8.16 5.74 8.02
CA GLN A 191 8.86 5.04 6.96
C GLN A 191 8.22 5.30 5.61
N THR A 192 6.90 5.29 5.55
CA THR A 192 6.21 5.49 4.28
C THR A 192 6.42 6.92 3.75
N GLU A 193 6.38 7.90 4.66
CA GLU A 193 6.58 9.31 4.29
C GLU A 193 8.01 9.61 3.84
N ILE A 194 8.97 8.91 4.44
CA ILE A 194 10.37 9.04 4.08
C ILE A 194 10.62 8.46 2.68
N GLY A 195 9.96 7.35 2.39
CA GLY A 195 10.02 6.77 1.04
C GLY A 195 9.37 7.63 -0.02
N GLN A 196 8.22 8.20 0.28
CA GLN A 196 7.57 9.17 -0.60
C GLN A 196 8.43 10.42 -0.88
N THR A 197 9.08 10.92 0.17
CA THR A 197 10.14 11.91 0.02
C THR A 197 11.18 11.54 -1.02
N LEU A 198 11.74 10.34 -0.91
CA LEU A 198 12.71 9.87 -1.91
C LEU A 198 12.11 9.77 -3.32
N ASP A 199 10.88 9.29 -3.40
CA ASP A 199 10.19 9.20 -4.69
C ASP A 199 10.07 10.60 -5.33
N LEU A 200 9.55 11.58 -4.58
CA LEU A 200 9.34 12.91 -5.12
CA LEU A 200 9.34 12.92 -5.10
C LEU A 200 10.64 13.64 -5.46
N LEU A 201 11.69 13.43 -4.66
CA LEU A 201 13.00 14.03 -4.92
C LEU A 201 13.66 13.45 -6.17
N THR A 202 13.30 12.22 -6.50
CA THR A 202 13.91 11.52 -7.62
C THR A 202 13.18 11.89 -8.90
N ALA A 203 11.99 12.46 -8.75
CA ALA A 203 11.17 12.85 -9.89
C ALA A 203 10.84 14.34 -9.90
N PRO A 204 11.86 15.21 -9.98
CA PRO A 204 11.57 16.65 -9.97
C PRO A 204 10.78 17.07 -11.22
N GLN A 205 9.73 17.84 -11.04
CA GLN A 205 8.82 18.12 -12.15
C GLN A 205 9.43 19.09 -13.14
N GLY A 206 9.07 18.92 -14.42
CA GLY A 206 9.49 19.85 -15.46
C GLY A 206 10.95 19.69 -15.84
N ASN A 207 11.61 18.74 -15.19
CA ASN A 207 13.03 18.53 -15.42
C ASN A 207 13.31 17.20 -16.12
N VAL A 208 14.26 17.20 -17.04
CA VAL A 208 14.87 15.96 -17.51
C VAL A 208 15.75 15.44 -16.39
N ASP A 209 15.63 14.16 -16.06
CA ASP A 209 16.79 13.47 -15.52
C ASP A 209 16.65 11.97 -15.30
N LEU A 210 17.08 11.24 -16.32
CA LEU A 210 17.13 9.79 -16.30
C LEU A 210 18.30 9.29 -15.47
N VAL A 211 19.28 10.17 -15.24
CA VAL A 211 20.46 9.82 -14.44
C VAL A 211 20.12 9.52 -12.98
N ARG A 212 18.96 9.98 -12.53
CA ARG A 212 18.49 9.71 -11.18
C ARG A 212 17.94 8.29 -11.05
N PHE A 213 17.51 7.72 -12.18
CA PHE A 213 16.71 6.50 -12.18
C PHE A 213 17.57 5.25 -12.15
N THR A 214 18.18 4.95 -11.00
CA THR A 214 19.01 3.76 -10.86
C THR A 214 18.29 2.64 -10.10
N GLU A 215 18.81 1.42 -10.25
CA GLU A 215 18.25 0.26 -9.58
C GLU A 215 18.39 0.39 -8.06
N LYS A 216 19.54 0.86 -7.62
CA LYS A 216 19.77 1.09 -6.19
C LYS A 216 18.77 2.09 -5.62
N ARG A 217 18.57 3.20 -6.32
CA ARG A 217 17.58 4.19 -5.91
C ARG A 217 16.18 3.57 -5.90
N TYR A 218 15.84 2.84 -6.95
CA TYR A 218 14.50 2.27 -7.06
C TYR A 218 14.21 1.39 -5.85
N LYS A 219 15.15 0.51 -5.53
CA LYS A 219 14.96 -0.44 -4.44
C LYS A 219 14.77 0.25 -3.09
N SER A 220 15.53 1.31 -2.83
CA SER A 220 15.35 2.10 -1.60
C SER A 220 13.98 2.74 -1.54
N ILE A 221 13.58 3.39 -2.63
CA ILE A 221 12.26 4.00 -2.69
C ILE A 221 11.18 3.02 -2.26
N VAL A 222 11.11 1.88 -2.92
CA VAL A 222 9.94 1.04 -2.76
C VAL A 222 9.94 0.36 -1.40
N LYS A 223 11.13 0.02 -0.91
CA LYS A 223 11.28 -0.49 0.46
C LYS A 223 10.58 0.40 1.48
N TYR A 224 10.87 1.70 1.43
CA TYR A 224 10.31 2.63 2.41
C TYR A 224 8.89 3.03 2.10
N LYS A 225 8.58 3.34 0.85
CA LYS A 225 7.27 3.87 0.49
C LYS A 225 6.20 2.79 0.45
N THR A 226 6.61 1.54 0.28
CA THR A 226 5.61 0.50 0.08
C THR A 226 5.77 -0.74 0.97
N ALA A 227 6.98 -1.25 1.05
CA ALA A 227 7.18 -2.57 1.62
C ALA A 227 6.82 -2.59 3.10
N PHE A 228 7.20 -1.55 3.86
CA PHE A 228 6.96 -1.56 5.30
C PHE A 228 5.47 -1.56 5.63
N TYR A 229 4.70 -0.66 5.03
CA TYR A 229 3.30 -0.53 5.45
C TYR A 229 2.36 -1.54 4.79
N SER A 230 2.71 -2.01 3.60
CA SER A 230 1.82 -2.88 2.86
C SER A 230 1.97 -4.35 3.28
N PHE A 231 3.16 -4.71 3.73
CA PHE A 231 3.52 -6.10 4.03
C PHE A 231 4.03 -6.31 5.45
N TYR A 232 5.03 -5.56 5.90
CA TYR A 232 5.46 -5.74 7.28
C TYR A 232 4.36 -5.40 8.29
N LEU A 233 3.73 -4.25 8.09
CA LEU A 233 2.81 -3.68 9.06
C LEU A 233 1.66 -4.63 9.46
N PRO A 234 0.90 -5.11 8.47
CA PRO A 234 -0.23 -5.96 8.84
C PRO A 234 0.15 -7.29 9.53
N ILE A 235 1.23 -7.92 9.09
CA ILE A 235 1.70 -9.15 9.74
C ILE A 235 2.22 -8.87 11.15
N ALA A 236 3.16 -7.93 11.26
CA ALA A 236 3.66 -7.49 12.56
C ALA A 236 2.55 -7.16 13.55
N ALA A 237 1.49 -6.57 13.03
CA ALA A 237 0.37 -6.15 13.87
C ALA A 237 -0.24 -7.41 14.50
N ALA A 238 -0.55 -8.38 13.65
CA ALA A 238 -1.06 -9.68 14.10
C ALA A 238 -0.08 -10.35 15.06
N MET A 239 1.20 -10.36 14.73
CA MET A 239 2.23 -10.86 15.61
C MET A 239 2.13 -10.22 17.00
N TYR A 240 2.17 -8.89 17.07
CA TYR A 240 2.09 -8.23 18.35
C TYR A 240 0.83 -8.63 19.09
N MET A 241 -0.28 -8.72 18.36
CA MET A 241 -1.56 -9.12 18.94
C MET A 241 -1.56 -10.55 19.50
N ALA A 242 -0.71 -11.40 18.96
CA ALA A 242 -0.61 -12.80 19.40
C ALA A 242 0.49 -12.97 20.44
N GLY A 243 1.10 -11.86 20.84
CA GLY A 243 2.12 -11.85 21.89
C GLY A 243 3.51 -12.16 21.38
N ILE A 244 3.66 -12.26 20.06
CA ILE A 244 4.97 -12.47 19.45
C ILE A 244 5.61 -11.10 19.26
N ASP A 245 6.46 -10.72 20.21
CA ASP A 245 7.10 -9.40 20.20
C ASP A 245 8.61 -9.46 20.10
N GLY A 246 9.16 -10.67 20.01
CA GLY A 246 10.61 -10.84 19.96
C GLY A 246 11.21 -10.17 18.75
N GLU A 247 12.35 -9.51 18.94
CA GLU A 247 12.96 -8.73 17.86
C GLU A 247 13.55 -9.61 16.77
N LYS A 248 13.94 -10.84 17.12
CA LYS A 248 14.46 -11.76 16.12
C LYS A 248 13.34 -12.29 15.23
N GLU A 249 12.18 -12.56 15.83
CA GLU A 249 11.03 -13.05 15.09
CA GLU A 249 11.05 -13.05 15.07
C GLU A 249 10.52 -11.99 14.12
N HIS A 250 10.48 -10.74 14.58
CA HIS A 250 10.08 -9.64 13.71
C HIS A 250 11.09 -9.42 12.62
N ALA A 251 12.38 -9.53 12.97
CA ALA A 251 13.43 -9.41 11.97
C ALA A 251 13.29 -10.44 10.84
N ASN A 252 13.10 -11.70 11.21
CA ASN A 252 12.91 -12.77 10.23
C ASN A 252 11.65 -12.58 9.38
N ALA A 253 10.56 -12.17 10.00
CA ALA A 253 9.34 -11.87 9.27
C ALA A 253 9.60 -10.77 8.25
N LYS A 254 10.27 -9.71 8.70
CA LYS A 254 10.59 -8.56 7.87
C LYS A 254 11.37 -8.99 6.63
N LYS A 255 12.23 -10.00 6.79
CA LYS A 255 13.16 -10.36 5.73
C LYS A 255 12.40 -10.91 4.52
N ILE A 256 11.30 -11.59 4.79
CA ILE A 256 10.43 -12.10 3.74
C ILE A 256 9.48 -11.01 3.25
N LEU A 257 8.81 -10.36 4.20
CA LEU A 257 7.78 -9.39 3.85
C LEU A 257 8.32 -8.19 3.04
N LEU A 258 9.56 -7.79 3.27
CA LEU A 258 10.13 -6.63 2.57
C LEU A 258 10.47 -6.97 1.13
N GLU A 259 10.90 -8.20 0.88
CA GLU A 259 11.06 -8.68 -0.49
C GLU A 259 9.73 -8.82 -1.23
N MET A 260 8.72 -9.42 -0.61
CA MET A 260 7.37 -9.34 -1.16
C MET A 260 6.92 -7.91 -1.50
N GLY A 261 7.18 -6.97 -0.59
CA GLY A 261 6.78 -5.59 -0.81
C GLY A 261 7.43 -5.02 -2.04
N GLU A 262 8.72 -5.29 -2.21
CA GLU A 262 9.45 -4.80 -3.37
C GLU A 262 8.85 -5.36 -4.65
N PHE A 263 8.57 -6.66 -4.70
CA PHE A 263 7.91 -7.20 -5.88
C PHE A 263 6.56 -6.54 -6.12
N PHE A 264 5.81 -6.31 -5.05
CA PHE A 264 4.47 -5.77 -5.18
C PHE A 264 4.51 -4.39 -5.82
N GLN A 265 5.52 -3.59 -5.48
CA GLN A 265 5.60 -2.22 -6.00
C GLN A 265 6.02 -2.27 -7.46
N ILE A 266 6.95 -3.18 -7.76
CA ILE A 266 7.33 -3.48 -9.14
C ILE A 266 6.11 -3.85 -10.00
N GLN A 267 5.27 -4.74 -9.51
CA GLN A 267 4.07 -5.11 -10.24
C GLN A 267 3.09 -3.93 -10.36
N ASP A 268 3.00 -3.10 -9.32
CA ASP A 268 2.15 -1.92 -9.36
C ASP A 268 2.66 -0.93 -10.43
N ASP A 269 3.98 -0.78 -10.53
CA ASP A 269 4.59 0.02 -11.59
C ASP A 269 4.24 -0.52 -13.00
N TYR A 270 4.50 -1.80 -13.22
CA TYR A 270 4.20 -2.41 -14.52
C TYR A 270 2.74 -2.18 -14.90
N LEU A 271 1.85 -2.34 -13.93
CA LEU A 271 0.41 -2.25 -14.18
C LEU A 271 -0.06 -0.82 -14.30
N ASP A 272 0.79 0.12 -13.88
CA ASP A 272 0.49 1.53 -14.07
C ASP A 272 0.33 1.83 -15.56
N LEU A 273 1.22 1.25 -16.37
CA LEU A 273 1.16 1.37 -17.83
C LEU A 273 0.42 0.22 -18.57
N PHE A 274 0.73 -1.02 -18.21
CA PHE A 274 0.25 -2.19 -18.97
C PHE A 274 -0.91 -2.95 -18.33
N GLY A 275 -1.46 -2.41 -17.24
CA GLY A 275 -2.60 -3.04 -16.58
C GLY A 275 -3.90 -2.52 -17.17
N ASP A 276 -5.02 -3.16 -16.83
CA ASP A 276 -6.32 -2.78 -17.39
C ASP A 276 -7.11 -2.00 -16.35
N PRO A 277 -7.49 -0.76 -16.69
CA PRO A 277 -8.00 0.18 -15.70
C PRO A 277 -9.31 -0.31 -15.08
N SER A 278 -9.96 -1.25 -15.77
CA SER A 278 -11.13 -1.93 -15.23
C SER A 278 -10.77 -2.78 -14.00
N VAL A 279 -9.51 -3.20 -13.95
CA VAL A 279 -9.03 -4.04 -12.86
C VAL A 279 -8.27 -3.20 -11.83
N THR A 280 -7.33 -2.36 -12.30
CA THR A 280 -6.57 -1.50 -11.41
C THR A 280 -7.45 -0.43 -10.77
N GLY A 281 -8.49 0.01 -11.48
CA GLY A 281 -9.40 1.02 -10.95
C GLY A 281 -8.89 2.45 -11.07
N LYS A 282 -7.77 2.64 -11.76
CA LYS A 282 -7.21 3.97 -11.91
C LYS A 282 -6.39 4.09 -13.19
N ILE A 283 -6.18 5.32 -13.62
CA ILE A 283 -5.38 5.58 -14.80
C ILE A 283 -3.95 5.90 -14.37
N GLY A 284 -2.98 5.32 -15.07
CA GLY A 284 -1.58 5.45 -14.70
C GLY A 284 -0.98 6.77 -15.19
N THR A 285 -0.19 7.40 -14.32
CA THR A 285 0.48 8.68 -14.62
C THR A 285 2.00 8.64 -14.47
N ASP A 286 2.58 7.47 -14.22
CA ASP A 286 4.00 7.41 -13.87
C ASP A 286 4.90 8.12 -14.89
N ILE A 287 4.61 7.92 -16.17
CA ILE A 287 5.44 8.49 -17.22
C ILE A 287 5.35 10.01 -17.19
N GLN A 288 4.13 10.54 -17.22
CA GLN A 288 4.02 11.99 -17.25
C GLN A 288 4.40 12.63 -15.91
N ASP A 289 4.35 11.83 -14.84
CA ASP A 289 4.80 12.31 -13.53
C ASP A 289 6.31 12.22 -13.36
N ASN A 290 7.02 11.77 -14.39
CA ASN A 290 8.49 11.67 -14.30
C ASN A 290 8.97 10.73 -13.18
N LYS A 291 8.21 9.68 -12.91
CA LYS A 291 8.51 8.78 -11.78
C LYS A 291 9.68 7.89 -12.10
N CYS A 292 10.49 7.60 -11.08
CA CYS A 292 11.45 6.50 -11.12
C CYS A 292 10.75 5.14 -10.98
N SER A 293 10.03 4.74 -12.03
CA SER A 293 9.28 3.48 -12.10
C SER A 293 10.21 2.31 -12.42
N TRP A 294 9.82 1.10 -12.04
CA TRP A 294 10.60 -0.09 -12.42
C TRP A 294 10.83 -0.14 -13.93
N LEU A 295 9.80 0.20 -14.69
CA LEU A 295 9.87 0.14 -16.15
C LEU A 295 10.95 1.06 -16.71
N VAL A 296 11.04 2.28 -16.21
CA VAL A 296 12.00 3.24 -16.73
C VAL A 296 13.43 2.83 -16.39
N VAL A 297 13.60 2.25 -15.20
CA VAL A 297 14.88 1.70 -14.78
C VAL A 297 15.33 0.56 -15.70
N GLN A 298 14.41 -0.35 -16.03
CA GLN A 298 14.72 -1.46 -16.94
C GLN A 298 15.00 -0.96 -18.36
N CYS A 299 14.17 -0.04 -18.84
CA CYS A 299 14.41 0.63 -20.11
C CYS A 299 15.84 1.18 -20.21
N LEU A 300 16.26 1.89 -19.16
CA LEU A 300 17.57 2.53 -19.17
C LEU A 300 18.69 1.51 -19.19
N GLN A 301 18.47 0.38 -18.52
CA GLN A 301 19.44 -0.70 -18.52
C GLN A 301 19.61 -1.32 -19.90
N ARG A 302 18.55 -1.27 -20.71
CA ARG A 302 18.50 -2.01 -21.96
C ARG A 302 18.62 -1.13 -23.21
N ALA A 303 18.37 0.16 -23.07
CA ALA A 303 18.25 1.04 -24.22
C ALA A 303 19.60 1.31 -24.86
N THR A 304 19.61 1.47 -26.18
CA THR A 304 20.74 2.03 -26.92
C THR A 304 20.73 3.55 -26.81
N PRO A 305 21.84 4.20 -27.19
CA PRO A 305 21.93 5.65 -27.09
C PRO A 305 20.78 6.35 -27.79
N GLU A 306 20.34 5.80 -28.92
CA GLU A 306 19.19 6.33 -29.65
C GLU A 306 17.93 6.23 -28.81
N GLN A 307 17.65 5.02 -28.35
CA GLN A 307 16.53 4.77 -27.46
C GLN A 307 16.56 5.70 -26.25
N TYR A 308 17.72 5.81 -25.59
CA TYR A 308 17.93 6.78 -24.52
C TYR A 308 17.41 8.19 -24.86
N GLN A 309 17.71 8.65 -26.07
CA GLN A 309 17.32 9.99 -26.50
C GLN A 309 15.81 10.15 -26.70
N ILE A 310 15.16 9.12 -27.22
CA ILE A 310 13.71 9.09 -27.29
C ILE A 310 13.04 9.24 -25.91
N LEU A 311 13.48 8.40 -24.97
CA LEU A 311 13.14 8.55 -23.56
C LEU A 311 13.41 9.96 -23.03
N LYS A 312 14.61 10.49 -23.26
CA LYS A 312 14.93 11.84 -22.81
C LYS A 312 13.95 12.90 -23.30
N GLU A 313 13.58 12.82 -24.57
CA GLU A 313 12.72 13.82 -25.20
C GLU A 313 11.26 13.72 -24.74
N ASN A 314 10.86 12.53 -24.28
CA ASN A 314 9.44 12.20 -24.16
C ASN A 314 8.97 11.89 -22.74
N TYR A 315 9.89 11.57 -21.85
CA TYR A 315 9.54 11.18 -20.49
C TYR A 315 9.19 12.39 -19.65
N GLY A 316 8.27 12.21 -18.70
CA GLY A 316 7.98 13.20 -17.68
C GLY A 316 7.21 14.39 -18.22
N GLN A 317 6.42 14.15 -19.26
CA GLN A 317 5.68 15.22 -19.92
C GLN A 317 4.22 14.91 -20.18
N LYS A 318 3.40 15.95 -20.13
CA LYS A 318 1.95 15.81 -20.04
C LYS A 318 1.30 15.31 -21.34
N GLU A 319 2.05 15.33 -22.43
CA GLU A 319 1.45 15.23 -23.77
C GLU A 319 1.27 13.78 -24.19
N ALA A 320 0.04 13.44 -24.58
CA ALA A 320 -0.36 12.05 -24.80
C ALA A 320 0.53 11.36 -25.82
N GLU A 321 0.96 12.08 -26.85
CA GLU A 321 1.82 11.51 -27.89
C GLU A 321 3.22 11.23 -27.34
N LYS A 322 3.63 12.04 -26.36
CA LYS A 322 4.91 11.81 -25.72
C LYS A 322 4.89 10.56 -24.84
N VAL A 323 3.87 10.45 -23.99
CA VAL A 323 3.61 9.22 -23.23
C VAL A 323 3.53 7.99 -24.13
N ALA A 324 2.77 8.10 -25.22
CA ALA A 324 2.65 7.02 -26.19
C ALA A 324 3.99 6.56 -26.75
N ARG A 325 4.91 7.49 -26.98
CA ARG A 325 6.24 7.14 -27.49
C ARG A 325 7.07 6.30 -26.51
N VAL A 326 7.04 6.68 -25.24
CA VAL A 326 7.71 5.92 -24.18
C VAL A 326 7.17 4.48 -24.11
N LYS A 327 5.86 4.35 -24.01
CA LYS A 327 5.22 3.03 -24.00
C LYS A 327 5.61 2.20 -25.22
N ALA A 328 5.70 2.85 -26.37
CA ALA A 328 6.13 2.20 -27.59
C ALA A 328 7.57 1.74 -27.46
N LEU A 329 8.41 2.57 -26.86
CA LEU A 329 9.79 2.17 -26.58
C LEU A 329 9.90 1.00 -25.60
N TYR A 330 9.00 0.97 -24.61
CA TYR A 330 9.01 -0.09 -23.61
C TYR A 330 8.68 -1.44 -24.25
N GLU A 331 7.65 -1.44 -25.09
CA GLU A 331 7.27 -2.64 -25.85
C GLU A 331 8.32 -3.00 -26.90
N GLU A 332 8.82 -1.97 -27.59
CA GLU A 332 10.03 -2.08 -28.42
C GLU A 332 11.11 -2.91 -27.74
N LEU A 333 11.20 -2.80 -26.42
CA LEU A 333 12.24 -3.50 -25.64
C LEU A 333 11.68 -4.71 -24.90
N ASP A 334 10.44 -5.06 -25.20
CA ASP A 334 9.81 -6.25 -24.62
CA ASP A 334 9.75 -6.21 -24.61
C ASP A 334 9.84 -6.26 -23.10
N LEU A 335 9.46 -5.15 -22.48
CA LEU A 335 9.53 -5.03 -21.03
C LEU A 335 8.40 -5.82 -20.35
N PRO A 336 7.24 -5.92 -21.02
CA PRO A 336 6.22 -6.85 -20.55
C PRO A 336 6.75 -8.28 -20.38
N ALA A 337 7.60 -8.74 -21.31
CA ALA A 337 8.16 -10.08 -21.19
C ALA A 337 9.24 -10.15 -20.11
N VAL A 338 10.06 -9.12 -20.03
CA VAL A 338 11.02 -9.00 -18.92
C VAL A 338 10.32 -9.07 -17.57
N PHE A 339 9.18 -8.42 -17.43
CA PHE A 339 8.48 -8.41 -16.15
C PHE A 339 7.91 -9.79 -15.83
N LEU A 340 7.46 -10.47 -16.87
CA LEU A 340 6.88 -11.81 -16.71
C LEU A 340 7.93 -12.77 -16.18
N GLN A 341 9.14 -12.65 -16.70
CA GLN A 341 10.28 -13.43 -16.23
C GLN A 341 10.75 -13.01 -14.84
N TYR A 342 10.76 -11.70 -14.57
CA TYR A 342 11.03 -11.22 -13.23
C TYR A 342 10.05 -11.75 -12.19
N GLU A 343 8.76 -11.74 -12.50
CA GLU A 343 7.77 -12.26 -11.58
C GLU A 343 8.09 -13.70 -11.17
N GLU A 344 8.46 -14.52 -12.15
CA GLU A 344 8.72 -15.95 -11.89
C GLU A 344 9.97 -16.09 -11.04
N ASP A 345 11.03 -15.37 -11.40
CA ASP A 345 12.25 -15.35 -10.60
C ASP A 345 11.99 -14.87 -9.19
N SER A 346 11.16 -13.84 -9.05
CA SER A 346 10.83 -13.25 -7.76
C SER A 346 10.03 -14.23 -6.92
N TYR A 347 8.99 -14.81 -7.52
CA TYR A 347 8.21 -15.87 -6.88
C TYR A 347 9.08 -16.96 -6.27
N SER A 348 10.04 -17.45 -7.06
CA SER A 348 10.92 -18.54 -6.62
C SER A 348 11.82 -18.11 -5.46
N HIS A 349 12.25 -16.85 -5.53
CA HIS A 349 13.15 -16.29 -4.53
C HIS A 349 12.41 -16.08 -3.20
N ILE A 350 11.20 -15.53 -3.26
CA ILE A 350 10.35 -15.35 -2.08
C ILE A 350 10.05 -16.70 -1.41
N MET A 351 9.86 -17.73 -2.24
CA MET A 351 9.59 -19.06 -1.71
C MET A 351 10.80 -19.61 -0.96
N ALA A 352 11.99 -19.40 -1.52
CA ALA A 352 13.23 -19.75 -0.83
C ALA A 352 13.35 -19.04 0.53
N LEU A 353 13.07 -17.75 0.54
CA LEU A 353 13.08 -16.97 1.77
C LEU A 353 12.12 -17.49 2.81
N ILE A 354 10.95 -17.97 2.37
CA ILE A 354 9.97 -18.53 3.30
C ILE A 354 10.48 -19.83 3.93
N GLU A 355 11.14 -20.65 3.12
CA GLU A 355 11.84 -21.83 3.60
C GLU A 355 12.87 -21.45 4.66
N GLN A 356 13.72 -20.49 4.33
CA GLN A 356 14.77 -20.02 5.22
C GLN A 356 14.28 -19.38 6.52
N TYR A 357 13.21 -18.58 6.46
CA TYR A 357 12.95 -17.59 7.52
C TYR A 357 11.58 -17.67 8.17
N ALA A 358 10.68 -18.46 7.61
CA ALA A 358 9.33 -18.52 8.15
C ALA A 358 9.31 -18.95 9.62
N ALA A 359 10.14 -19.93 9.97
CA ALA A 359 9.98 -20.61 11.25
C ALA A 359 10.39 -19.69 12.40
N PRO A 360 9.53 -19.55 13.43
CA PRO A 360 8.73 -20.55 14.12
C PRO A 360 7.25 -20.40 13.72
N LEU A 361 6.96 -19.40 12.89
CA LEU A 361 5.58 -19.08 12.52
C LEU A 361 5.08 -20.02 11.43
N PRO A 362 3.75 -20.22 11.35
CA PRO A 362 3.18 -21.07 10.30
C PRO A 362 3.54 -20.55 8.92
N PRO A 363 4.21 -21.37 8.10
CA PRO A 363 4.48 -20.95 6.73
C PRO A 363 3.22 -20.44 6.01
N ALA A 364 2.06 -20.93 6.39
CA ALA A 364 0.81 -20.51 5.77
C ALA A 364 0.62 -18.99 5.84
N VAL A 365 1.14 -18.37 6.90
CA VAL A 365 1.02 -16.93 7.05
C VAL A 365 1.59 -16.20 5.84
N PHE A 366 2.78 -16.61 5.39
CA PHE A 366 3.44 -16.00 4.26
C PHE A 366 2.92 -16.52 2.92
N LEU A 367 2.48 -17.78 2.90
CA LEU A 367 2.07 -18.40 1.65
C LEU A 367 0.71 -17.85 1.24
N GLY A 368 -0.13 -17.52 2.20
CA GLY A 368 -1.41 -16.88 1.89
C GLY A 368 -1.16 -15.57 1.17
N LEU A 369 -0.20 -14.81 1.67
CA LEU A 369 0.18 -13.51 1.10
C LEU A 369 0.75 -13.67 -0.30
N ALA A 370 1.69 -14.61 -0.44
CA ALA A 370 2.28 -14.91 -1.74
C ALA A 370 1.26 -15.31 -2.81
N ARG A 371 0.31 -16.18 -2.47
CA ARG A 371 -0.80 -16.49 -3.38
C ARG A 371 -1.55 -15.24 -3.81
N LYS A 372 -1.80 -14.35 -2.85
CA LYS A 372 -2.52 -13.10 -3.07
C LYS A 372 -1.81 -12.21 -4.09
N ILE A 373 -0.47 -12.16 -4.05
CA ILE A 373 0.24 -11.24 -4.91
C ILE A 373 0.84 -11.79 -6.21
N TYR A 374 1.10 -13.10 -6.26
CA TYR A 374 1.67 -13.67 -7.48
C TYR A 374 0.69 -14.38 -8.42
MG MG B . 1.62 3.12 -8.84
S SO4 C . -6.34 -0.92 -2.90
O1 SO4 C . -7.20 0.00 -3.64
O2 SO4 C . -5.01 -0.88 -3.47
O3 SO4 C . -6.87 -2.28 -2.96
O4 SO4 C . -6.30 -0.54 -1.49
O5 11P D . 3.28 4.75 -5.01
O6 11P D . 1.41 6.11 -6.07
O7 11P D . 2.41 4.09 -7.21
O8 11P D . -0.09 3.33 -7.76
P4 11P D . 2.05 4.75 -5.90
C1 11P D . 0.70 3.69 -5.28
O2 11P D . 1.14 2.45 -5.35
P1 11P D . -0.66 3.88 -6.47
O10 11P D . -1.86 3.13 -5.93
O9 11P D . -0.98 5.37 -6.57
C3 11P D . 0.21 3.82 -3.83
C16 11P D . -0.67 5.05 -3.54
C17 11P D . -0.45 5.41 -2.06
C23 11P D . 0.89 4.75 -1.78
C26 11P D . 1.72 4.97 -0.68
C29 11P D . 2.91 4.24 -0.64
N25 11P D . 3.25 3.39 -1.62
C28 11P D . 2.46 3.18 -2.68
C27 11P D . 1.25 3.87 -2.76
#